data_4P2T
#
_entry.id   4P2T
#
_cell.length_a   69.737
_cell.length_b   95.947
_cell.length_c   119.245
_cell.angle_alpha   90.000
_cell.angle_beta   90.000
_cell.angle_gamma   90.000
#
_symmetry.space_group_name_H-M   'I 2 2 2'
#
loop_
_entity.id
_entity.type
_entity.pdbx_description
1 polymer 'KSHV Protease'
2 non-polymer 6-(cyclohexylmethyl)-N-[4-(methylsulfonylcarbamoyl)-2-(phenylmethyl)phenyl]pyridine-2-carboxamide
3 non-polymer 'DIMETHYL SULFOXIDE'
4 water water
#
_entity_poly.entity_id   1
_entity_poly.type   'polypeptide(L)'
_entity_poly.pdbx_seq_one_letter_code
;QGLYVGGFVDVVSCPKLEQELYLDPDQVTDYLPVTEPLPITIEHLPETEVGWTLGLFQVSHGIFCTGAITSPAFLELASR
LADTSHVARAPVKNLPKEPLLEILHTWLPGLSLSSIHPRELSQTPSGPVFQHVSLCALGRRRGTVAVYGHDAEWVVSRFS
SVSKSERAHILQHVSSCRLEDLSTPNFVSPLETL
;
_entity_poly.pdbx_strand_id   A,B
#
loop_
_chem_comp.id
_chem_comp.type
_chem_comp.name
_chem_comp.formula
24Q non-polymer 6-(cyclohexylmethyl)-N-[4-(methylsulfonylcarbamoyl)-2-(phenylmethyl)phenyl]pyridine-2-carboxamide 'C28 H31 N3 O4 S'
DMS non-polymer 'DIMETHYL SULFOXIDE' 'C2 H6 O S'
#
# COMPACT_ATOMS: atom_id res chain seq x y z
N GLN A 1 14.44 0.86 18.22
CA GLN A 1 15.05 1.54 17.07
C GLN A 1 15.31 0.58 15.93
N GLY A 2 14.27 -0.06 15.38
CA GLY A 2 12.89 0.15 15.79
C GLY A 2 12.36 -0.96 16.67
N LEU A 3 11.04 -1.01 16.81
CA LEU A 3 10.36 -2.03 17.59
C LEU A 3 9.59 -2.99 16.70
N TYR A 4 9.18 -4.12 17.29
CA TYR A 4 8.27 -5.04 16.65
C TYR A 4 6.94 -5.03 17.40
N VAL A 5 5.85 -5.24 16.67
CA VAL A 5 4.53 -5.38 17.28
C VAL A 5 3.90 -6.68 16.81
N GLY A 6 3.15 -7.32 17.70
CA GLY A 6 2.48 -8.58 17.38
C GLY A 6 1.11 -8.67 18.03
N GLY A 7 0.23 -9.47 17.45
CA GLY A 7 -1.08 -9.69 18.02
C GLY A 7 -2.13 -10.11 17.00
N PHE A 8 -3.25 -10.61 17.51
CA PHE A 8 -4.39 -10.95 16.68
C PHE A 8 -5.19 -9.70 16.37
N VAL A 9 -5.71 -9.62 15.15
CA VAL A 9 -6.35 -8.40 14.68
C VAL A 9 -7.88 -8.50 14.61
N ASP A 10 -8.52 -7.34 14.53
CA ASP A 10 -9.92 -7.24 14.16
C ASP A 10 -10.00 -6.77 12.72
N VAL A 11 -10.80 -7.45 11.90
CA VAL A 11 -10.97 -7.05 10.51
C VAL A 11 -12.16 -6.11 10.39
N VAL A 12 -11.88 -4.85 10.03
CA VAL A 12 -12.91 -3.83 9.97
C VAL A 12 -13.01 -3.20 8.58
N SER A 13 -14.23 -3.05 8.09
CA SER A 13 -14.50 -2.36 6.84
C SER A 13 -14.97 -0.94 7.12
N CYS A 14 -14.35 0.03 6.46
CA CYS A 14 -14.67 1.45 6.68
C CYS A 14 -14.59 1.80 8.16
N PRO A 15 -13.42 1.59 8.78
CA PRO A 15 -13.28 1.87 10.21
C PRO A 15 -13.42 3.35 10.51
N LYS A 16 -14.00 3.68 11.67
CA LYS A 16 -14.15 5.06 12.14
C LYS A 16 -15.23 5.82 11.36
N LEU A 17 -15.85 5.17 10.38
CA LEU A 17 -16.86 5.81 9.55
C LEU A 17 -18.27 5.33 9.93
N GLU A 18 -19.28 5.98 9.36
CA GLU A 18 -20.67 5.64 9.65
C GLU A 18 -20.98 4.19 9.28
N GLN A 19 -20.54 3.78 8.10
CA GLN A 19 -20.81 2.44 7.61
C GLN A 19 -19.75 1.44 8.08
N GLU A 20 -19.25 1.63 9.29
CA GLU A 20 -18.26 0.73 9.86
C GLU A 20 -18.85 -0.67 10.04
N LEU A 21 -18.06 -1.67 9.68
CA LEU A 21 -18.50 -3.07 9.76
C LEU A 21 -17.35 -3.97 10.17
N TYR A 22 -17.49 -4.60 11.34
CA TYR A 22 -16.51 -5.57 11.81
C TYR A 22 -16.72 -6.91 11.10
N LEU A 23 -15.73 -7.31 10.31
CA LEU A 23 -15.81 -8.56 9.55
C LEU A 23 -15.41 -9.76 10.40
N ASP A 24 -16.06 -10.89 10.16
CA ASP A 24 -15.66 -12.15 10.76
C ASP A 24 -14.37 -12.62 10.09
N PRO A 25 -13.39 -13.10 10.87
CA PRO A 25 -12.08 -13.44 10.29
C PRO A 25 -12.17 -14.44 9.14
N ASP A 26 -13.12 -15.38 9.20
CA ASP A 26 -13.24 -16.41 8.18
C ASP A 26 -13.68 -15.84 6.83
N GLN A 27 -14.10 -14.58 6.80
CA GLN A 27 -14.55 -13.95 5.57
C GLN A 27 -13.40 -13.49 4.69
N VAL A 28 -12.18 -13.51 5.23
CA VAL A 28 -11.00 -13.02 4.51
C VAL A 28 -9.83 -14.01 4.57
N THR A 29 -10.08 -15.20 5.11
CA THR A 29 -9.02 -16.21 5.23
C THR A 29 -8.50 -16.66 3.87
N ASP A 30 -9.37 -16.61 2.86
CA ASP A 30 -8.98 -17.02 1.51
C ASP A 30 -7.94 -16.08 0.93
N TYR A 31 -7.92 -14.85 1.43
CA TYR A 31 -7.03 -13.82 0.91
C TYR A 31 -5.78 -13.67 1.79
N LEU A 32 -5.59 -14.61 2.70
CA LEU A 32 -4.39 -14.68 3.53
C LEU A 32 -3.49 -15.80 3.04
N PRO A 33 -2.17 -15.70 3.30
CA PRO A 33 -1.50 -14.65 4.06
C PRO A 33 -1.19 -13.40 3.23
N VAL A 34 -0.81 -12.32 3.91
CA VAL A 34 -0.36 -11.10 3.26
C VAL A 34 1.12 -10.89 3.59
N THR A 35 1.98 -11.19 2.62
CA THR A 35 3.42 -11.16 2.85
C THR A 35 4.00 -9.78 2.59
N GLU A 36 3.39 -9.03 1.68
CA GLU A 36 3.87 -7.69 1.34
CA GLU A 36 3.88 -7.70 1.34
C GLU A 36 3.53 -6.70 2.44
N PRO A 37 4.35 -5.65 2.59
CA PRO A 37 4.13 -4.70 3.69
C PRO A 37 2.94 -3.78 3.49
N LEU A 38 2.07 -3.73 4.50
CA LEU A 38 1.02 -2.72 4.59
C LEU A 38 1.47 -1.65 5.59
N PRO A 39 1.04 -0.40 5.38
CA PRO A 39 1.42 0.65 6.35
C PRO A 39 0.77 0.45 7.71
N ILE A 40 1.50 0.75 8.78
CA ILE A 40 0.93 0.73 10.12
C ILE A 40 0.68 2.15 10.61
N THR A 41 -0.59 2.47 10.85
CA THR A 41 -1.00 3.81 11.26
C THR A 41 -1.62 3.80 12.66
N ILE A 42 -2.07 4.97 13.11
CA ILE A 42 -2.71 5.12 14.42
C ILE A 42 -4.17 5.52 14.28
N GLU A 43 -5.05 4.69 14.80
CA GLU A 43 -6.50 4.94 14.75
C GLU A 43 -6.96 5.27 13.33
N HIS A 44 -6.38 4.57 12.36
CA HIS A 44 -6.77 4.69 10.95
C HIS A 44 -6.60 6.11 10.42
N LEU A 45 -5.71 6.87 11.04
CA LEU A 45 -5.33 8.19 10.54
C LEU A 45 -4.19 8.03 9.55
N PRO A 46 -4.46 8.27 8.25
CA PRO A 46 -3.46 7.95 7.22
C PRO A 46 -2.16 8.74 7.34
N GLU A 47 -2.18 9.85 8.06
CA GLU A 47 -1.00 10.71 8.19
C GLU A 47 -0.20 10.36 9.46
N THR A 48 -0.46 9.20 10.04
CA THR A 48 0.25 8.75 11.24
C THR A 48 0.94 7.41 11.02
N GLU A 49 1.49 7.21 9.81
CA GLU A 49 2.25 6.00 9.51
C GLU A 49 3.45 5.91 10.44
N VAL A 50 3.55 4.81 11.19
CA VAL A 50 4.65 4.62 12.14
C VAL A 50 5.54 3.44 11.76
N GLY A 51 5.07 2.63 10.82
CA GLY A 51 5.83 1.45 10.40
C GLY A 51 5.15 0.64 9.33
N TRP A 52 5.58 -0.61 9.18
CA TRP A 52 5.08 -1.52 8.15
C TRP A 52 4.84 -2.92 8.69
N THR A 53 3.80 -3.58 8.20
CA THR A 53 3.52 -4.96 8.57
C THR A 53 4.56 -5.88 7.93
N LEU A 54 4.82 -7.01 8.59
CA LEU A 54 5.80 -7.98 8.11
C LEU A 54 5.17 -9.36 7.92
N GLY A 55 3.85 -9.39 7.82
CA GLY A 55 3.12 -10.64 7.63
C GLY A 55 1.82 -10.69 8.40
N LEU A 56 0.76 -11.08 7.70
CA LEU A 56 -0.54 -11.34 8.31
C LEU A 56 -0.98 -12.76 7.95
N PHE A 57 -0.95 -13.64 8.95
CA PHE A 57 -1.20 -15.07 8.73
C PHE A 57 -2.45 -15.55 9.44
N GLN A 58 -3.14 -16.50 8.81
CA GLN A 58 -4.23 -17.21 9.45
C GLN A 58 -3.67 -18.31 10.34
N VAL A 59 -4.16 -18.38 11.57
CA VAL A 59 -3.80 -19.45 12.50
C VAL A 59 -5.07 -20.02 13.11
N SER A 60 -4.90 -20.90 14.09
CA SER A 60 -6.03 -21.63 14.67
C SER A 60 -7.01 -20.71 15.40
N HIS A 61 -6.48 -19.70 16.08
CA HIS A 61 -7.27 -18.81 16.93
CA HIS A 61 -7.31 -18.83 16.91
C HIS A 61 -7.76 -17.58 16.17
N GLY A 62 -7.10 -17.26 15.07
CA GLY A 62 -7.51 -16.10 14.28
C GLY A 62 -6.47 -15.66 13.27
N ILE A 63 -6.39 -14.35 13.05
CA ILE A 63 -5.45 -13.76 12.11
C ILE A 63 -4.36 -13.00 12.87
N PHE A 64 -3.17 -13.58 12.91
CA PHE A 64 -2.05 -12.96 13.63
C PHE A 64 -1.32 -11.97 12.74
N CYS A 65 -0.93 -10.85 13.32
CA CYS A 65 -0.19 -9.81 12.60
C CYS A 65 1.14 -9.52 13.27
N THR A 66 2.19 -9.41 12.45
CA THR A 66 3.51 -9.00 12.91
CA THR A 66 3.51 -9.00 12.91
C THR A 66 3.95 -7.78 12.12
N GLY A 67 4.44 -6.76 12.81
CA GLY A 67 4.85 -5.53 12.17
C GLY A 67 6.06 -4.91 12.83
N ALA A 68 6.72 -4.03 12.09
CA ALA A 68 7.88 -3.29 12.59
C ALA A 68 7.55 -1.80 12.69
N ILE A 69 7.76 -1.24 13.88
CA ILE A 69 7.63 0.20 14.09
C ILE A 69 8.97 0.84 13.75
N THR A 70 9.02 1.56 12.63
CA THR A 70 10.29 2.03 12.09
C THR A 70 10.46 3.55 12.09
N SER A 71 9.36 4.28 12.29
CA SER A 71 9.42 5.74 12.28
C SER A 71 10.31 6.27 13.40
N PRO A 72 11.45 6.89 13.06
CA PRO A 72 12.30 7.44 14.12
C PRO A 72 11.60 8.55 14.90
N ALA A 73 10.78 9.34 14.20
CA ALA A 73 10.07 10.45 14.83
C ALA A 73 9.11 9.94 15.90
N PHE A 74 8.42 8.84 15.60
CA PHE A 74 7.47 8.27 16.54
C PHE A 74 8.16 7.59 17.72
N LEU A 75 9.22 6.84 17.43
CA LEU A 75 9.93 6.10 18.46
C LEU A 75 10.61 7.04 19.45
N GLU A 76 11.23 8.10 18.93
CA GLU A 76 11.88 9.09 19.76
C GLU A 76 10.86 9.81 20.64
N LEU A 77 9.72 10.15 20.06
CA LEU A 77 8.67 10.84 20.79
C LEU A 77 8.06 9.94 21.85
N ALA A 78 7.68 8.74 21.46
CA ALA A 78 7.06 7.80 22.38
C ALA A 78 7.97 7.49 23.56
N SER A 79 9.26 7.37 23.30
CA SER A 79 10.24 7.08 24.36
CA SER A 79 10.24 7.09 24.35
CA SER A 79 10.24 7.08 24.35
C SER A 79 10.36 8.27 25.31
N ARG A 80 10.36 9.48 24.75
CA ARG A 80 10.44 10.69 25.53
C ARG A 80 9.24 10.81 26.47
N LEU A 81 8.06 10.55 25.94
CA LEU A 81 6.84 10.61 26.73
C LEU A 81 6.82 9.50 27.78
N ALA A 82 7.33 8.33 27.40
CA ALA A 82 7.39 7.20 28.32
C ALA A 82 8.28 7.51 29.52
N ASP A 83 9.20 8.44 29.35
CA ASP A 83 10.20 8.77 30.37
C ASP A 83 9.88 10.04 31.16
N THR A 84 8.95 10.86 30.65
CA THR A 84 8.72 12.19 31.23
C THR A 84 7.24 12.55 31.40
N SER A 85 6.35 11.92 30.64
CA SER A 85 4.92 12.25 30.71
C SER A 85 4.23 11.48 31.83
N HIS A 86 3.62 12.21 32.75
CA HIS A 86 2.89 11.60 33.86
C HIS A 86 1.55 11.05 33.38
N VAL A 87 0.97 11.70 32.37
CA VAL A 87 -0.25 11.19 31.76
C VAL A 87 0.01 9.82 31.15
N ALA A 88 1.09 9.71 30.39
CA ALA A 88 1.44 8.47 29.71
C ALA A 88 1.66 7.31 30.69
N ARG A 89 2.25 7.62 31.84
CA ARG A 89 2.64 6.59 32.79
C ARG A 89 1.51 6.24 33.79
N ALA A 90 0.50 7.10 33.87
CA ALA A 90 -0.56 6.95 34.87
C ALA A 90 -1.26 5.59 34.82
N PRO A 91 -1.70 5.15 33.62
CA PRO A 91 -2.43 3.88 33.57
C PRO A 91 -1.52 2.66 33.55
N VAL A 92 -0.21 2.88 33.59
CA VAL A 92 0.77 1.79 33.56
C VAL A 92 1.22 1.48 34.99
N LYS A 93 1.66 0.24 35.20
CA LYS A 93 2.22 -0.16 36.49
C LYS A 93 3.41 0.73 36.81
N ASN A 94 3.65 0.95 38.09
CA ASN A 94 4.74 1.83 38.52
C ASN A 94 6.11 1.23 38.24
N LEU A 95 7.02 2.07 37.79
CA LEU A 95 8.43 1.73 37.67
C LEU A 95 8.69 0.47 36.82
N PRO A 96 8.22 0.47 35.56
CA PRO A 96 8.53 -0.65 34.66
C PRO A 96 9.94 -0.54 34.10
N LYS A 97 10.60 -1.67 33.86
CA LYS A 97 11.96 -1.66 33.35
C LYS A 97 12.02 -1.12 31.92
N GLU A 98 10.93 -1.30 31.18
CA GLU A 98 10.85 -0.86 29.79
C GLU A 98 9.61 0.02 29.58
N PRO A 99 9.70 1.30 29.99
CA PRO A 99 8.58 2.24 29.88
C PRO A 99 7.94 2.26 28.50
N LEU A 100 8.74 2.34 27.45
CA LEU A 100 8.22 2.45 26.09
C LEU A 100 7.30 1.29 25.73
N LEU A 101 7.73 0.07 26.03
CA LEU A 101 6.96 -1.12 25.70
C LEU A 101 5.64 -1.17 26.46
N GLU A 102 5.68 -0.79 27.74
CA GLU A 102 4.48 -0.82 28.57
C GLU A 102 3.48 0.24 28.15
N ILE A 103 3.99 1.44 27.86
CA ILE A 103 3.15 2.56 27.43
C ILE A 103 2.42 2.22 26.13
N LEU A 104 3.13 1.64 25.17
CA LEU A 104 2.53 1.25 23.90
C LEU A 104 1.56 0.09 24.10
N HIS A 105 1.98 -0.88 24.91
CA HIS A 105 1.17 -2.05 25.23
C HIS A 105 -0.14 -1.63 25.88
N THR A 106 -0.12 -0.53 26.62
CA THR A 106 -1.28 -0.06 27.35
C THR A 106 -2.16 0.90 26.54
N TRP A 107 -1.53 1.90 25.92
CA TRP A 107 -2.27 2.95 25.24
C TRP A 107 -2.78 2.54 23.85
N LEU A 108 -2.10 1.59 23.22
CA LEU A 108 -2.49 1.11 21.90
C LEU A 108 -2.56 -0.42 21.88
N PRO A 109 -3.53 -0.99 22.58
CA PRO A 109 -3.65 -2.45 22.74
C PRO A 109 -4.26 -3.14 21.51
N GLY A 110 -4.96 -2.39 20.67
CA GLY A 110 -5.69 -2.98 19.57
C GLY A 110 -4.98 -2.90 18.23
N LEU A 111 -5.04 -4.00 17.49
CA LEU A 111 -4.59 -4.05 16.10
C LEU A 111 -5.82 -4.20 15.19
N SER A 112 -6.04 -3.20 14.34
CA SER A 112 -7.20 -3.17 13.47
C SER A 112 -6.79 -3.26 12.00
N LEU A 113 -7.16 -4.37 11.36
CA LEU A 113 -6.86 -4.59 9.94
C LEU A 113 -7.98 -4.07 9.06
N SER A 114 -7.68 -3.05 8.26
CA SER A 114 -8.66 -2.46 7.36
C SER A 114 -8.90 -3.37 6.16
N SER A 115 -10.16 -3.60 5.84
CA SER A 115 -10.53 -4.48 4.73
C SER A 115 -11.65 -3.88 3.89
N ILE A 116 -11.84 -4.42 2.69
CA ILE A 116 -12.97 -4.03 1.85
C ILE A 116 -14.24 -4.72 2.37
N HIS A 117 -15.38 -4.23 1.93
CA HIS A 117 -16.68 -4.75 2.40
C HIS A 117 -16.86 -6.21 1.96
N PRO A 118 -17.49 -7.04 2.82
CA PRO A 118 -17.68 -8.45 2.45
C PRO A 118 -18.51 -8.69 1.19
N ARG A 119 -19.19 -7.66 0.69
CA ARG A 119 -19.96 -7.81 -0.55
C ARG A 119 -19.01 -8.02 -1.72
N GLU A 120 -17.83 -7.40 -1.63
CA GLU A 120 -16.80 -7.55 -2.65
C GLU A 120 -16.12 -8.92 -2.54
N LEU A 121 -16.41 -9.64 -1.46
CA LEU A 121 -15.81 -10.94 -1.20
C LEU A 121 -16.81 -12.06 -1.47
N THR A 124 -14.94 -12.71 -6.08
CA THR A 124 -13.58 -12.42 -6.50
C THR A 124 -13.36 -10.90 -6.58
N PRO A 125 -12.59 -10.34 -5.64
CA PRO A 125 -12.39 -8.89 -5.64
C PRO A 125 -11.50 -8.41 -6.78
N SER A 126 -11.65 -7.15 -7.15
CA SER A 126 -10.89 -6.57 -8.25
C SER A 126 -9.49 -6.14 -7.81
N GLY A 127 -9.42 -5.46 -6.66
CA GLY A 127 -8.18 -4.92 -6.14
C GLY A 127 -7.87 -5.41 -4.74
N PRO A 128 -6.80 -4.87 -4.13
CA PRO A 128 -6.31 -5.24 -2.81
C PRO A 128 -7.41 -5.33 -1.75
N VAL A 129 -7.48 -6.48 -1.08
CA VAL A 129 -8.49 -6.71 -0.05
C VAL A 129 -8.18 -5.89 1.20
N PHE A 130 -6.89 -5.69 1.48
CA PHE A 130 -6.45 -4.99 2.69
C PHE A 130 -5.72 -3.70 2.35
N GLN A 131 -5.83 -2.72 3.24
CA GLN A 131 -5.24 -1.39 3.02
C GLN A 131 -4.14 -1.09 4.05
N HIS A 132 -4.41 -1.38 5.32
CA HIS A 132 -3.47 -1.06 6.38
C HIS A 132 -3.84 -1.78 7.68
N VAL A 133 -2.92 -1.70 8.65
CA VAL A 133 -3.19 -2.11 10.02
C VAL A 133 -3.02 -0.88 10.92
N SER A 134 -3.91 -0.71 11.88
CA SER A 134 -3.83 0.43 12.79
C SER A 134 -3.63 0.00 14.22
N LEU A 135 -2.77 0.73 14.92
CA LEU A 135 -2.66 0.64 16.37
C LEU A 135 -3.79 1.47 16.96
N CYS A 136 -4.66 0.83 17.74
CA CYS A 136 -5.88 1.48 18.21
C CYS A 136 -6.03 1.48 19.72
N ALA A 137 -6.61 2.56 20.24
CA ALA A 137 -6.94 2.68 21.65
C ALA A 137 -8.38 2.24 21.91
N LEU A 138 -9.16 2.16 20.84
CA LEU A 138 -10.57 1.76 20.91
C LEU A 138 -10.93 0.78 19.80
N GLY A 139 -12.01 0.02 20.00
CA GLY A 139 -12.57 -0.81 18.96
C GLY A 139 -12.15 -2.27 18.97
N ARG A 140 -11.33 -2.66 19.95
CA ARG A 140 -10.86 -4.04 20.03
C ARG A 140 -11.99 -4.97 20.47
N ARG A 141 -12.22 -6.03 19.68
CA ARG A 141 -13.25 -7.02 19.98
C ARG A 141 -12.67 -8.44 19.97
N ARG A 142 -12.42 -8.96 18.78
CA ARG A 142 -11.86 -10.31 18.63
C ARG A 142 -10.35 -10.31 18.86
N GLY A 143 -9.69 -9.24 18.44
CA GLY A 143 -8.25 -9.14 18.56
C GLY A 143 -7.80 -9.06 20.01
N THR A 144 -6.61 -9.61 20.29
CA THR A 144 -6.06 -9.57 21.63
CA THR A 144 -6.04 -9.58 21.63
C THR A 144 -5.17 -8.34 21.82
N VAL A 145 -4.72 -8.11 23.04
CA VAL A 145 -3.87 -6.97 23.34
C VAL A 145 -2.55 -7.09 22.60
N ALA A 146 -2.14 -6.00 21.96
CA ALA A 146 -0.90 -5.99 21.18
C ALA A 146 0.32 -6.03 22.09
N VAL A 147 1.31 -6.82 21.71
CA VAL A 147 2.58 -6.90 22.42
C VAL A 147 3.66 -6.21 21.60
N TYR A 148 4.37 -5.29 22.24
CA TYR A 148 5.50 -4.60 21.62
C TYR A 148 6.81 -5.10 22.21
N GLY A 149 7.80 -5.33 21.36
CA GLY A 149 9.09 -5.84 21.81
C GLY A 149 10.22 -5.50 20.85
N HIS A 150 11.44 -5.66 21.33
CA HIS A 150 12.63 -5.33 20.55
C HIS A 150 13.02 -6.46 19.59
N ASP A 151 12.52 -7.67 19.86
N ASP A 151 12.53 -7.67 19.87
CA ASP A 151 12.80 -8.84 19.05
CA ASP A 151 12.81 -8.84 19.03
C ASP A 151 11.51 -9.53 18.62
C ASP A 151 11.51 -9.52 18.61
N ALA A 152 11.44 -9.91 17.35
CA ALA A 152 10.25 -10.52 16.79
C ALA A 152 9.89 -11.85 17.45
N GLU A 153 10.91 -12.67 17.70
CA GLU A 153 10.68 -13.99 18.30
C GLU A 153 10.14 -13.85 19.73
N TRP A 154 10.56 -12.80 20.42
CA TRP A 154 10.08 -12.55 21.77
C TRP A 154 8.61 -12.13 21.74
N VAL A 155 8.24 -11.33 20.76
CA VAL A 155 6.87 -10.85 20.62
C VAL A 155 5.91 -12.01 20.35
N VAL A 156 6.24 -12.82 19.35
CA VAL A 156 5.37 -13.92 18.95
C VAL A 156 5.31 -15.00 20.04
N SER A 157 6.45 -15.25 20.67
CA SER A 157 6.52 -16.29 21.71
C SER A 157 5.74 -15.91 22.96
N ARG A 158 5.31 -14.65 23.03
CA ARG A 158 4.52 -14.17 24.17
C ARG A 158 3.06 -14.57 24.04
N PHE A 159 2.68 -15.07 22.87
CA PHE A 159 1.32 -15.52 22.62
C PHE A 159 1.20 -17.02 22.75
N SER A 160 0.48 -17.46 23.77
CA SER A 160 0.32 -18.89 24.07
C SER A 160 -0.60 -19.57 23.05
N SER A 161 -1.51 -18.81 22.46
CA SER A 161 -2.45 -19.35 21.50
C SER A 161 -1.81 -19.54 20.12
N VAL A 162 -0.49 -19.32 20.05
CA VAL A 162 0.27 -19.52 18.82
C VAL A 162 1.31 -20.62 19.04
N SER A 163 1.16 -21.72 18.31
CA SER A 163 2.05 -22.88 18.46
C SER A 163 3.44 -22.56 17.94
N LYS A 164 4.40 -23.43 18.26
CA LYS A 164 5.78 -23.22 17.85
C LYS A 164 5.94 -23.39 16.36
N SER A 165 5.13 -24.27 15.77
CA SER A 165 5.11 -24.45 14.32
C SER A 165 4.55 -23.20 13.66
N GLU A 166 3.46 -22.68 14.21
CA GLU A 166 2.88 -21.43 13.74
C GLU A 166 3.87 -20.29 13.92
N ARG A 167 4.53 -20.25 15.07
CA ARG A 167 5.52 -19.22 15.35
C ARG A 167 6.70 -19.32 14.38
N ALA A 168 7.06 -20.55 14.04
CA ALA A 168 8.15 -20.78 13.10
C ALA A 168 7.79 -20.27 11.71
N HIS A 169 6.54 -20.53 11.30
CA HIS A 169 6.06 -20.08 10.00
CA HIS A 169 6.06 -20.08 10.00
C HIS A 169 6.00 -18.56 9.93
N ILE A 170 5.60 -17.93 11.04
CA ILE A 170 5.53 -16.48 11.09
C ILE A 170 6.93 -15.88 11.02
N LEU A 171 7.79 -16.29 11.95
CA LEU A 171 9.14 -15.76 12.03
C LEU A 171 9.96 -16.08 10.79
N GLN A 172 9.48 -17.05 10.00
CA GLN A 172 10.11 -17.38 8.73
C GLN A 172 10.02 -16.21 7.76
N HIS A 173 8.84 -15.62 7.65
CA HIS A 173 8.63 -14.51 6.73
CA HIS A 173 8.63 -14.51 6.73
C HIS A 173 9.12 -13.19 7.32
N VAL A 174 9.01 -13.04 8.64
CA VAL A 174 9.48 -11.83 9.30
C VAL A 174 10.97 -11.66 9.05
N SER A 175 11.71 -12.76 9.12
CA SER A 175 13.15 -12.74 8.85
C SER A 175 13.41 -12.54 7.36
N SER A 176 12.41 -12.86 6.54
CA SER A 176 12.53 -12.70 5.09
C SER A 176 12.23 -11.28 4.64
N CYS A 177 12.08 -10.37 5.61
CA CYS A 177 11.79 -8.96 5.32
C CYS A 177 12.95 -8.06 5.73
N ARG A 178 13.50 -7.35 4.74
CA ARG A 178 14.59 -6.40 4.99
C ARG A 178 13.99 -5.04 5.31
N LEU A 179 14.08 -4.65 6.59
CA LEU A 179 13.43 -3.44 7.08
C LEU A 179 13.97 -2.16 6.45
N GLU A 180 15.30 -2.07 6.37
CA GLU A 180 15.96 -0.86 5.86
CA GLU A 180 15.95 -0.86 5.87
C GLU A 180 15.49 -0.51 4.45
N ASP A 181 15.11 -1.53 3.68
CA ASP A 181 14.67 -1.31 2.31
C ASP A 181 13.34 -0.55 2.25
N LEU A 182 12.53 -0.67 3.30
CA LEU A 182 11.22 -0.03 3.33
C LEU A 182 11.34 1.47 3.58
N SER A 183 10.51 2.24 2.88
CA SER A 183 10.54 3.70 2.97
C SER A 183 10.17 4.18 4.37
N THR A 184 10.49 5.45 4.65
CA THR A 184 10.22 6.05 5.94
C THR A 184 8.73 6.39 6.07
N PRO A 185 8.08 5.94 7.15
CA PRO A 185 6.68 6.32 7.38
C PRO A 185 6.51 7.84 7.48
N ASN A 186 5.32 8.34 7.15
CA ASN A 186 5.10 9.78 7.04
C ASN A 186 4.82 10.50 8.37
N PHE A 187 4.82 9.77 9.48
CA PHE A 187 4.51 10.39 10.78
C PHE A 187 5.50 11.50 11.11
N VAL A 188 4.96 12.65 11.50
CA VAL A 188 5.76 13.77 11.98
C VAL A 188 5.41 14.04 13.44
N SER A 189 6.42 14.30 14.25
CA SER A 189 6.20 14.59 15.66
C SER A 189 5.49 15.93 15.82
N PRO A 190 4.35 15.95 16.54
CA PRO A 190 3.65 17.23 16.73
C PRO A 190 4.43 18.22 17.59
N LEU A 191 5.40 17.72 18.36
CA LEU A 191 6.25 18.60 19.17
C LEU A 191 7.22 19.38 18.28
N GLU A 192 7.35 18.95 17.03
CA GLU A 192 8.22 19.61 16.07
C GLU A 192 7.42 20.52 15.14
N THR A 193 6.17 20.15 14.88
CA THR A 193 5.32 20.89 13.96
C THR A 193 4.48 21.93 14.69
N LEU A 194 3.76 21.48 15.72
CA LEU A 194 2.88 22.36 16.49
C LEU A 194 3.43 22.56 17.90
N GLY B 2 2.44 16.28 -6.44
CA GLY B 2 2.51 15.07 -7.24
C GLY B 2 1.99 15.27 -8.65
N LEU B 3 1.97 14.18 -9.41
CA LEU B 3 1.48 14.22 -10.79
C LEU B 3 0.29 13.27 -10.95
N TYR B 4 -0.49 13.52 -12.00
CA TYR B 4 -1.54 12.60 -12.42
C TYR B 4 -1.09 11.85 -13.66
N VAL B 5 -1.44 10.57 -13.73
CA VAL B 5 -1.20 9.77 -14.92
C VAL B 5 -2.53 9.19 -15.35
N GLY B 6 -2.71 9.05 -16.67
CA GLY B 6 -3.96 8.54 -17.19
C GLY B 6 -3.85 8.03 -18.61
N GLY B 7 -4.79 7.16 -18.97
CA GLY B 7 -4.84 6.58 -20.30
C GLY B 7 -5.41 5.18 -20.27
N PHE B 8 -5.65 4.63 -21.46
CA PHE B 8 -6.08 3.25 -21.57
C PHE B 8 -4.93 2.33 -21.22
N VAL B 9 -5.25 1.13 -20.75
CA VAL B 9 -4.24 0.16 -20.36
C VAL B 9 -4.36 -1.11 -21.19
N ASP B 10 -3.24 -1.81 -21.34
CA ASP B 10 -3.29 -3.19 -21.81
C ASP B 10 -3.29 -4.07 -20.56
N VAL B 11 -3.77 -5.30 -20.71
CA VAL B 11 -3.87 -6.22 -19.59
C VAL B 11 -2.90 -7.37 -19.81
N VAL B 12 -1.96 -7.51 -18.88
CA VAL B 12 -0.89 -8.49 -18.99
C VAL B 12 -0.89 -9.45 -17.81
N SER B 13 -0.62 -10.72 -18.10
CA SER B 13 -0.39 -11.72 -17.07
C SER B 13 1.06 -12.21 -17.20
N CYS B 14 1.60 -12.72 -16.09
CA CYS B 14 2.98 -13.22 -16.07
C CYS B 14 2.99 -14.74 -16.00
N PRO B 15 2.96 -15.40 -17.17
CA PRO B 15 2.99 -16.87 -17.17
C PRO B 15 4.31 -17.44 -16.63
N LYS B 16 4.33 -18.74 -16.36
CA LYS B 16 5.49 -19.36 -15.72
C LYS B 16 6.66 -19.47 -16.69
N LEU B 17 6.51 -20.29 -17.73
CA LEU B 17 7.59 -20.53 -18.68
C LEU B 17 7.71 -19.39 -19.68
N GLU B 18 6.59 -18.93 -20.21
CA GLU B 18 6.59 -17.87 -21.21
C GLU B 18 6.96 -16.54 -20.58
N GLN B 19 7.31 -15.57 -21.42
CA GLN B 19 7.72 -14.25 -20.94
C GLN B 19 6.53 -13.42 -20.51
N GLU B 20 5.59 -13.22 -21.42
CA GLU B 20 4.50 -12.28 -21.22
C GLU B 20 3.26 -12.70 -22.00
N LEU B 21 2.09 -12.54 -21.37
CA LEU B 21 0.82 -12.87 -22.01
C LEU B 21 -0.11 -11.67 -21.99
N TYR B 22 -0.46 -11.17 -23.17
CA TYR B 22 -1.34 -10.02 -23.29
C TYR B 22 -2.79 -10.45 -23.47
N LEU B 23 -3.62 -10.09 -22.50
CA LEU B 23 -5.02 -10.46 -22.51
C LEU B 23 -5.86 -9.47 -23.31
N ASP B 24 -7.05 -9.90 -23.70
CA ASP B 24 -8.04 -9.02 -24.30
CA ASP B 24 -8.03 -9.01 -24.31
C ASP B 24 -8.77 -8.30 -23.19
N PRO B 25 -8.72 -6.94 -23.16
CA PRO B 25 -9.35 -6.21 -22.06
C PRO B 25 -10.79 -6.65 -21.75
N ASP B 26 -11.49 -7.18 -22.74
CA ASP B 26 -12.86 -7.65 -22.53
CA ASP B 26 -12.86 -7.67 -22.55
C ASP B 26 -12.89 -8.86 -21.60
N GLN B 27 -11.77 -9.55 -21.45
CA GLN B 27 -11.69 -10.74 -20.61
C GLN B 27 -11.76 -10.46 -19.11
N VAL B 28 -11.62 -9.19 -18.72
CA VAL B 28 -11.60 -8.82 -17.30
C VAL B 28 -12.57 -7.70 -16.96
N THR B 29 -13.50 -7.41 -17.86
CA THR B 29 -14.45 -6.33 -17.67
C THR B 29 -15.45 -6.63 -16.55
N ASP B 30 -15.67 -7.91 -16.28
CA ASP B 30 -16.57 -8.32 -15.21
C ASP B 30 -16.06 -7.86 -13.85
N TYR B 31 -14.76 -7.59 -13.77
CA TYR B 31 -14.13 -7.18 -12.53
C TYR B 31 -13.87 -5.67 -12.50
N LEU B 32 -14.59 -4.95 -13.35
CA LEU B 32 -14.54 -3.49 -13.38
C LEU B 32 -15.87 -2.94 -12.85
N PRO B 33 -15.85 -1.72 -12.30
CA PRO B 33 -14.68 -0.86 -12.10
C PRO B 33 -13.82 -1.28 -10.92
N VAL B 34 -12.56 -0.86 -10.93
CA VAL B 34 -11.66 -1.08 -9.81
C VAL B 34 -11.49 0.24 -9.06
N THR B 35 -12.13 0.33 -7.89
CA THR B 35 -12.03 1.54 -7.07
C THR B 35 -10.99 1.40 -5.97
N GLU B 36 -10.59 0.17 -5.67
CA GLU B 36 -9.51 -0.05 -4.72
C GLU B 36 -8.20 0.46 -5.32
N PRO B 37 -7.44 1.27 -4.55
CA PRO B 37 -6.16 1.73 -5.09
C PRO B 37 -5.18 0.59 -5.37
N LEU B 38 -4.67 0.56 -6.60
CA LEU B 38 -3.61 -0.38 -6.97
C LEU B 38 -2.27 0.33 -6.91
N PRO B 39 -1.22 -0.36 -6.46
CA PRO B 39 0.09 0.29 -6.49
C PRO B 39 0.56 0.55 -7.93
N ILE B 40 1.14 1.72 -8.16
CA ILE B 40 1.72 2.03 -9.46
C ILE B 40 3.23 1.86 -9.39
N THR B 41 3.78 0.97 -10.21
CA THR B 41 5.21 0.69 -10.21
C THR B 41 5.83 0.94 -11.58
N ILE B 42 7.15 0.82 -11.63
CA ILE B 42 7.90 1.01 -12.87
C ILE B 42 8.32 -0.35 -13.45
N GLU B 43 7.79 -0.63 -14.65
CA GLU B 43 8.12 -1.85 -15.39
C GLU B 43 8.01 -3.11 -14.53
N HIS B 44 6.92 -3.22 -13.78
CA HIS B 44 6.61 -4.41 -13.00
C HIS B 44 7.65 -4.72 -11.93
N LEU B 45 8.43 -3.72 -11.53
CA LEU B 45 9.36 -3.87 -10.41
C LEU B 45 8.64 -3.52 -9.10
N PRO B 46 8.36 -4.52 -8.24
CA PRO B 46 7.54 -4.26 -7.04
C PRO B 46 8.14 -3.22 -6.09
N GLU B 47 9.46 -3.08 -6.11
CA GLU B 47 10.14 -2.16 -5.19
C GLU B 47 10.06 -0.72 -5.65
N THR B 48 9.48 -0.48 -6.83
CA THR B 48 9.47 0.84 -7.44
C THR B 48 8.10 1.49 -7.43
N GLU B 49 7.37 1.33 -6.32
CA GLU B 49 6.07 1.98 -6.17
C GLU B 49 6.21 3.49 -6.25
N VAL B 50 5.52 4.11 -7.20
CA VAL B 50 5.61 5.56 -7.39
C VAL B 50 4.32 6.26 -6.98
N GLY B 51 3.27 5.48 -6.76
CA GLY B 51 1.98 6.06 -6.41
C GLY B 51 0.86 5.03 -6.43
N TRP B 52 -0.37 5.52 -6.67
CA TRP B 52 -1.55 4.68 -6.59
C TRP B 52 -2.57 5.01 -7.69
N THR B 53 -3.29 4.01 -8.16
CA THR B 53 -4.37 4.21 -9.11
C THR B 53 -5.55 4.87 -8.40
N LEU B 54 -6.23 5.77 -9.10
CA LEU B 54 -7.41 6.46 -8.58
C LEU B 54 -8.66 5.98 -9.31
N GLY B 55 -8.67 4.72 -9.72
CA GLY B 55 -9.82 4.13 -10.38
C GLY B 55 -9.52 3.68 -11.80
N LEU B 56 -9.96 2.46 -12.12
CA LEU B 56 -9.95 1.96 -13.49
C LEU B 56 -11.38 1.69 -13.93
N PHE B 57 -11.76 2.22 -15.09
CA PHE B 57 -13.15 2.16 -15.55
C PHE B 57 -13.29 1.58 -16.95
N GLN B 58 -14.33 0.77 -17.12
CA GLN B 58 -14.71 0.28 -18.44
C GLN B 58 -15.17 1.49 -19.27
N VAL B 59 -14.32 1.92 -20.20
CA VAL B 59 -14.57 3.14 -20.96
C VAL B 59 -14.38 2.90 -22.46
N SER B 60 -15.41 3.23 -23.23
CA SER B 60 -15.35 3.13 -24.69
C SER B 60 -14.91 1.76 -25.16
N HIS B 61 -13.71 1.68 -25.73
CA HIS B 61 -13.23 0.47 -26.39
C HIS B 61 -12.41 -0.43 -25.46
N GLY B 62 -12.10 0.06 -24.26
CA GLY B 62 -11.27 -0.70 -23.35
C GLY B 62 -11.37 -0.27 -21.89
N ILE B 63 -10.21 -0.20 -21.23
CA ILE B 63 -10.15 0.11 -19.81
C ILE B 63 -9.28 1.34 -19.57
N PHE B 64 -9.92 2.42 -19.12
CA PHE B 64 -9.20 3.66 -18.83
C PHE B 64 -8.77 3.70 -17.37
N CYS B 65 -7.49 4.05 -17.15
CA CYS B 65 -6.93 4.14 -15.82
C CYS B 65 -6.56 5.58 -15.47
N THR B 66 -6.78 5.96 -14.21
CA THR B 66 -6.29 7.22 -13.68
C THR B 66 -5.55 6.93 -12.39
N GLY B 67 -4.42 7.61 -12.19
CA GLY B 67 -3.60 7.40 -11.01
C GLY B 67 -2.85 8.64 -10.58
N ALA B 68 -2.33 8.60 -9.35
CA ALA B 68 -1.54 9.70 -8.80
C ALA B 68 -0.12 9.24 -8.55
N ILE B 69 0.84 10.02 -9.05
CA ILE B 69 2.25 9.79 -8.78
C ILE B 69 2.65 10.70 -7.61
N THR B 70 2.91 10.09 -6.46
CA THR B 70 3.08 10.83 -5.21
C THR B 70 4.44 10.62 -4.55
N SER B 71 5.18 9.62 -5.01
CA SER B 71 6.49 9.30 -4.44
C SER B 71 7.47 10.46 -4.57
N PRO B 72 7.89 11.06 -3.45
CA PRO B 72 8.86 12.17 -3.54
C PRO B 72 10.20 11.74 -4.12
N ALA B 73 10.67 10.55 -3.76
CA ALA B 73 11.95 10.04 -4.23
C ALA B 73 11.94 9.88 -5.76
N PHE B 74 10.85 9.35 -6.29
CA PHE B 74 10.72 9.17 -7.74
C PHE B 74 10.67 10.51 -8.46
N LEU B 75 9.83 11.40 -7.94
CA LEU B 75 9.62 12.70 -8.59
C LEU B 75 10.90 13.52 -8.65
N GLU B 76 11.68 13.49 -7.57
CA GLU B 76 12.94 14.22 -7.51
C GLU B 76 13.95 13.68 -8.50
N LEU B 77 14.12 12.37 -8.52
CA LEU B 77 15.07 11.72 -9.42
C LEU B 77 14.62 11.88 -10.87
N ALA B 78 13.32 11.74 -11.11
CA ALA B 78 12.75 11.91 -12.44
C ALA B 78 12.97 13.33 -12.95
N SER B 79 12.67 14.32 -12.11
CA SER B 79 12.84 15.72 -12.46
C SER B 79 14.32 16.05 -12.72
N ARG B 80 15.20 15.49 -11.88
CA ARG B 80 16.64 15.70 -12.04
C ARG B 80 17.12 15.17 -13.38
N LEU B 81 16.63 13.99 -13.76
CA LEU B 81 16.95 13.40 -15.05
C LEU B 81 16.40 14.26 -16.18
N ALA B 82 15.15 14.70 -16.03
CA ALA B 82 14.50 15.48 -17.06
C ALA B 82 15.22 16.80 -17.35
N ASP B 83 15.88 17.35 -16.33
CA ASP B 83 16.51 18.67 -16.44
C ASP B 83 17.98 18.59 -16.83
N THR B 84 18.68 17.54 -16.40
CA THR B 84 20.15 17.53 -16.49
C THR B 84 20.72 16.36 -17.29
N SER B 85 19.93 15.33 -17.54
CA SER B 85 20.42 14.17 -18.29
C SER B 85 20.22 14.38 -19.79
N HIS B 86 21.33 14.47 -20.53
CA HIS B 86 21.29 14.58 -21.97
C HIS B 86 20.67 13.33 -22.58
N VAL B 87 20.86 12.20 -21.92
CA VAL B 87 20.32 10.92 -22.40
C VAL B 87 18.81 10.94 -22.34
N ALA B 88 18.26 11.29 -21.18
CA ALA B 88 16.82 11.35 -20.99
C ALA B 88 16.17 12.34 -21.95
N ARG B 89 16.88 13.42 -22.26
CA ARG B 89 16.36 14.48 -23.11
C ARG B 89 16.55 14.19 -24.59
N ALA B 90 17.40 13.21 -24.91
CA ALA B 90 17.81 12.96 -26.30
C ALA B 90 16.64 12.69 -27.26
N PRO B 91 15.72 11.78 -26.89
CA PRO B 91 14.66 11.45 -27.85
C PRO B 91 13.56 12.51 -27.92
N VAL B 92 13.73 13.60 -27.18
CA VAL B 92 12.78 14.71 -27.21
C VAL B 92 13.50 16.00 -27.60
N LYS B 93 13.96 16.75 -26.59
CA LYS B 93 14.61 18.05 -26.77
C LYS B 93 14.05 18.85 -27.95
N ASN B 94 12.72 18.89 -28.04
CA ASN B 94 12.02 19.68 -29.06
C ASN B 94 10.96 20.57 -28.40
N LEU B 95 10.21 19.99 -27.46
CA LEU B 95 9.22 20.73 -26.69
C LEU B 95 9.61 20.75 -25.21
N PRO B 96 10.51 21.68 -24.83
CA PRO B 96 10.89 21.83 -23.42
C PRO B 96 9.89 22.67 -22.62
N LYS B 97 8.68 22.81 -23.15
CA LYS B 97 7.61 23.53 -22.43
C LYS B 97 7.36 22.90 -21.08
N GLU B 98 7.05 21.60 -21.10
CA GLU B 98 6.89 20.81 -19.89
C GLU B 98 7.88 19.66 -19.90
N PRO B 99 9.14 19.92 -19.49
CA PRO B 99 10.22 18.94 -19.59
C PRO B 99 9.89 17.58 -18.97
N LEU B 100 9.47 17.59 -17.71
CA LEU B 100 9.21 16.35 -16.99
C LEU B 100 8.07 15.56 -17.64
N LEU B 101 6.97 16.24 -17.95
CA LEU B 101 5.77 15.58 -18.46
C LEU B 101 6.03 14.86 -19.79
N GLU B 102 6.74 15.52 -20.71
CA GLU B 102 7.00 14.95 -22.02
C GLU B 102 8.05 13.84 -21.94
N ILE B 103 9.00 13.99 -21.02
CA ILE B 103 10.05 12.98 -20.86
C ILE B 103 9.47 11.73 -20.20
N LEU B 104 8.53 11.92 -19.28
CA LEU B 104 7.79 10.80 -18.71
C LEU B 104 7.02 10.09 -19.81
N HIS B 105 6.32 10.87 -20.63
CA HIS B 105 5.53 10.34 -21.73
C HIS B 105 6.41 9.62 -22.76
N THR B 106 7.65 10.07 -22.88
CA THR B 106 8.57 9.55 -23.89
C THR B 106 9.16 8.20 -23.50
N TRP B 107 9.60 8.09 -22.25
CA TRP B 107 10.29 6.89 -21.78
C TRP B 107 9.33 5.89 -21.13
N LEU B 108 8.21 6.38 -20.60
CA LEU B 108 7.20 5.53 -19.99
C LEU B 108 5.86 5.71 -20.70
N PRO B 109 5.78 5.30 -21.98
CA PRO B 109 4.59 5.56 -22.79
C PRO B 109 3.42 4.60 -22.57
N GLY B 110 3.63 3.52 -21.82
CA GLY B 110 2.62 2.48 -21.66
C GLY B 110 2.13 2.28 -20.24
N LEU B 111 0.87 1.87 -20.12
CA LEU B 111 0.26 1.49 -18.85
C LEU B 111 -0.17 0.03 -18.91
N SER B 112 0.43 -0.81 -18.06
CA SER B 112 0.11 -2.24 -18.03
C SER B 112 -0.57 -2.65 -16.73
N LEU B 113 -1.81 -3.11 -16.86
CA LEU B 113 -2.54 -3.67 -15.73
C LEU B 113 -2.18 -5.14 -15.54
N SER B 114 -1.52 -5.44 -14.44
CA SER B 114 -1.13 -6.81 -14.13
C SER B 114 -2.33 -7.59 -13.60
N SER B 115 -2.60 -8.73 -14.21
CA SER B 115 -3.75 -9.57 -13.87
C SER B 115 -3.35 -11.03 -13.73
N ILE B 116 -4.16 -11.79 -13.00
CA ILE B 116 -3.97 -13.23 -12.89
C ILE B 116 -4.27 -13.89 -14.22
N HIS B 117 -3.79 -15.13 -14.39
CA HIS B 117 -3.96 -15.86 -15.64
C HIS B 117 -5.45 -16.01 -15.97
N PRO B 118 -5.80 -16.02 -17.27
CA PRO B 118 -7.21 -16.10 -17.68
C PRO B 118 -7.95 -17.34 -17.17
N ARG B 119 -7.22 -18.42 -16.93
CA ARG B 119 -7.85 -19.69 -16.54
C ARG B 119 -8.30 -19.68 -15.09
N GLU B 120 -7.66 -18.86 -14.27
CA GLU B 120 -7.99 -18.79 -12.85
C GLU B 120 -9.24 -17.96 -12.58
N LEU B 121 -9.93 -17.57 -13.65
CA LEU B 121 -11.17 -16.81 -13.54
C LEU B 121 -12.35 -17.75 -13.29
N PRO B 125 -12.08 -17.59 -5.34
CA PRO B 125 -11.50 -16.35 -4.82
C PRO B 125 -10.33 -16.60 -3.88
N SER B 126 -9.15 -16.84 -4.45
CA SER B 126 -7.93 -17.04 -3.67
C SER B 126 -7.22 -15.70 -3.46
N GLY B 127 -7.53 -14.73 -4.30
CA GLY B 127 -6.96 -13.40 -4.21
C GLY B 127 -7.62 -12.45 -5.19
N PRO B 128 -7.18 -11.20 -5.21
CA PRO B 128 -7.71 -10.22 -6.17
C PRO B 128 -7.27 -10.51 -7.60
N VAL B 129 -8.04 -10.03 -8.57
CA VAL B 129 -7.73 -10.29 -9.97
C VAL B 129 -6.51 -9.47 -10.39
N PHE B 130 -6.49 -8.21 -10.00
CA PHE B 130 -5.44 -7.28 -10.40
C PHE B 130 -4.41 -7.07 -9.30
N GLN B 131 -3.13 -7.06 -9.67
CA GLN B 131 -2.05 -6.89 -8.72
C GLN B 131 -1.56 -5.45 -8.67
N HIS B 132 -1.37 -4.84 -9.84
CA HIS B 132 -0.83 -3.50 -9.94
C HIS B 132 -0.96 -2.93 -11.35
N VAL B 133 -0.67 -1.64 -11.47
CA VAL B 133 -0.51 -0.98 -12.75
C VAL B 133 0.95 -0.54 -12.85
N SER B 134 1.56 -0.71 -14.01
CA SER B 134 2.96 -0.33 -14.20
C SER B 134 3.15 0.70 -15.30
N LEU B 135 4.01 1.67 -15.02
CA LEU B 135 4.51 2.58 -16.03
C LEU B 135 5.59 1.83 -16.81
N CYS B 136 5.28 1.47 -18.05
CA CYS B 136 6.15 0.57 -18.82
C CYS B 136 6.99 1.33 -19.84
N ALA B 137 8.24 0.88 -19.97
CA ALA B 137 9.18 1.43 -20.95
C ALA B 137 9.54 0.37 -22.00
N LEU B 138 9.23 -0.88 -21.70
CA LEU B 138 9.59 -2.01 -22.56
C LEU B 138 8.37 -2.59 -23.26
N GLY B 139 7.24 -1.88 -23.17
CA GLY B 139 5.97 -2.42 -23.61
C GLY B 139 5.73 -2.33 -25.11
N ARG B 140 4.55 -2.78 -25.52
CA ARG B 140 4.15 -2.75 -26.92
C ARG B 140 3.86 -1.34 -27.39
N ARG B 141 3.66 -1.19 -28.70
CA ARG B 141 3.36 0.09 -29.32
C ARG B 141 1.87 0.17 -29.64
N ARG B 142 1.05 -0.53 -28.86
CA ARG B 142 -0.38 -0.59 -29.10
C ARG B 142 -1.15 -0.74 -27.79
N GLY B 143 -2.42 -0.38 -27.81
CA GLY B 143 -3.33 -0.67 -26.70
C GLY B 143 -3.30 0.30 -25.54
N THR B 144 -2.20 1.04 -25.38
CA THR B 144 -2.07 1.95 -24.24
C THR B 144 -1.11 3.10 -24.51
N VAL B 145 -1.54 4.31 -24.14
CA VAL B 145 -0.70 5.49 -24.18
C VAL B 145 -0.81 6.22 -22.84
N ALA B 146 0.32 6.43 -22.19
CA ALA B 146 0.35 7.06 -20.88
C ALA B 146 0.53 8.57 -20.98
N VAL B 147 -0.43 9.31 -20.46
CA VAL B 147 -0.38 10.78 -20.44
C VAL B 147 -0.19 11.25 -19.00
N TYR B 148 0.83 12.08 -18.79
CA TYR B 148 1.16 12.62 -17.48
C TYR B 148 0.86 14.11 -17.41
N GLY B 149 0.24 14.55 -16.32
CA GLY B 149 -0.14 15.95 -16.16
C GLY B 149 -0.19 16.41 -14.72
N HIS B 150 -0.45 17.70 -14.52
CA HIS B 150 -0.47 18.30 -13.19
C HIS B 150 -1.84 18.18 -12.55
N ASP B 151 -2.87 18.01 -13.37
CA ASP B 151 -4.24 17.84 -12.88
C ASP B 151 -4.97 16.80 -13.70
N ALA B 152 -5.93 16.12 -13.08
CA ALA B 152 -6.67 15.04 -13.73
C ALA B 152 -7.43 15.56 -14.95
N GLU B 153 -7.96 16.78 -14.84
CA GLU B 153 -8.76 17.37 -15.91
C GLU B 153 -7.96 17.48 -17.20
N TRP B 154 -6.71 17.93 -17.07
CA TRP B 154 -5.84 18.09 -18.22
C TRP B 154 -5.50 16.74 -18.85
N VAL B 155 -5.29 15.72 -18.02
CA VAL B 155 -4.93 14.40 -18.49
C VAL B 155 -6.06 13.76 -19.30
N VAL B 156 -7.26 13.74 -18.74
CA VAL B 156 -8.40 13.11 -19.40
C VAL B 156 -8.77 13.86 -20.67
N SER B 157 -8.60 15.18 -20.64
CA SER B 157 -8.95 16.03 -21.78
C SER B 157 -8.02 15.81 -22.98
N ARG B 158 -6.98 15.00 -22.78
CA ARG B 158 -5.99 14.78 -23.83
C ARG B 158 -6.31 13.55 -24.67
N PHE B 159 -7.57 13.12 -24.64
CA PHE B 159 -8.00 11.94 -25.38
C PHE B 159 -9.22 12.26 -26.26
N SER B 160 -9.50 11.37 -27.21
CA SER B 160 -10.57 11.58 -28.18
C SER B 160 -11.70 10.56 -28.07
N SER B 161 -11.38 9.35 -27.61
CA SER B 161 -12.33 8.26 -27.61
C SER B 161 -13.17 8.20 -26.32
N VAL B 162 -12.89 9.10 -25.40
CA VAL B 162 -13.64 9.16 -24.14
C VAL B 162 -14.83 10.11 -24.29
N SER B 163 -16.04 9.58 -24.13
CA SER B 163 -17.25 10.38 -24.25
C SER B 163 -17.34 11.40 -23.13
N LYS B 164 -18.21 12.40 -23.31
CA LYS B 164 -18.36 13.47 -22.34
C LYS B 164 -18.90 12.94 -21.01
N SER B 165 -19.83 11.98 -21.09
CA SER B 165 -20.40 11.37 -19.89
C SER B 165 -19.35 10.53 -19.17
N GLU B 166 -18.51 9.83 -19.95
CA GLU B 166 -17.44 9.02 -19.38
C GLU B 166 -16.37 9.92 -18.76
N ARG B 167 -16.03 11.00 -19.45
CA ARG B 167 -15.05 11.96 -18.95
C ARG B 167 -15.54 12.57 -17.63
N ALA B 168 -16.83 12.90 -17.58
CA ALA B 168 -17.43 13.47 -16.38
C ALA B 168 -17.40 12.47 -15.24
N HIS B 169 -17.71 11.21 -15.54
CA HIS B 169 -17.75 10.16 -14.53
C HIS B 169 -16.36 9.89 -13.96
N ILE B 170 -15.35 9.91 -14.83
CA ILE B 170 -13.97 9.70 -14.40
C ILE B 170 -13.52 10.82 -13.46
N LEU B 171 -13.60 12.06 -13.94
CA LEU B 171 -13.16 13.21 -13.16
C LEU B 171 -13.93 13.33 -11.85
N GLN B 172 -15.20 12.96 -11.88
CA GLN B 172 -16.04 13.00 -10.69
C GLN B 172 -15.48 12.07 -9.61
N HIS B 173 -14.95 10.93 -10.03
CA HIS B 173 -14.40 9.96 -9.08
C HIS B 173 -13.05 10.40 -8.54
N VAL B 174 -12.21 10.92 -9.43
CA VAL B 174 -10.86 11.36 -9.04
C VAL B 174 -10.95 12.51 -8.03
N SER B 175 -11.87 13.43 -8.26
CA SER B 175 -12.05 14.56 -7.36
C SER B 175 -12.44 14.11 -5.96
N SER B 176 -13.20 13.01 -5.89
CA SER B 176 -13.62 12.46 -4.60
C SER B 176 -12.44 11.86 -3.84
N CYS B 177 -11.35 11.60 -4.54
CA CYS B 177 -10.17 10.99 -3.93
C CYS B 177 -9.25 12.05 -3.32
N ARG B 178 -8.91 11.86 -2.05
CA ARG B 178 -7.96 12.73 -1.37
CA ARG B 178 -7.96 12.72 -1.36
C ARG B 178 -6.56 12.16 -1.47
N LEU B 179 -5.73 12.78 -2.32
CA LEU B 179 -4.35 12.33 -2.51
C LEU B 179 -3.59 12.34 -1.20
N GLU B 180 -4.02 13.21 -0.28
CA GLU B 180 -3.40 13.32 1.04
C GLU B 180 -3.49 12.01 1.81
N ASP B 181 -4.60 11.28 1.62
CA ASP B 181 -4.87 10.08 2.41
C ASP B 181 -4.20 8.84 1.83
N LEU B 182 -3.55 8.97 0.68
CA LEU B 182 -2.83 7.85 0.08
C LEU B 182 -1.57 7.55 0.88
N SER B 183 -1.32 6.27 1.14
CA SER B 183 -0.17 5.86 1.92
C SER B 183 1.12 6.11 1.16
N THR B 184 2.24 6.07 1.87
CA THR B 184 3.54 6.31 1.26
C THR B 184 3.94 5.14 0.35
N PRO B 185 4.24 5.42 -0.93
CA PRO B 185 4.71 4.32 -1.78
C PRO B 185 6.12 3.88 -1.43
N ASN B 186 6.35 2.58 -1.34
CA ASN B 186 7.68 2.05 -1.08
C ASN B 186 8.53 2.07 -2.34
N PHE B 187 9.35 3.11 -2.47
CA PHE B 187 10.14 3.33 -3.68
C PHE B 187 11.64 3.25 -3.47
N VAL B 188 12.28 2.50 -4.36
CA VAL B 188 13.72 2.59 -4.56
C VAL B 188 13.94 2.73 -6.07
N SER B 189 15.06 3.31 -6.46
CA SER B 189 15.41 3.41 -7.87
C SER B 189 15.53 2.02 -8.46
N PRO B 190 15.18 1.85 -9.76
CA PRO B 190 15.35 0.54 -10.38
C PRO B 190 16.78 0.03 -10.29
N LEU B 191 17.73 0.96 -10.29
CA LEU B 191 19.14 0.62 -10.24
C LEU B 191 19.57 0.14 -8.86
N GLU B 192 18.68 0.27 -7.88
CA GLU B 192 18.93 -0.20 -6.52
C GLU B 192 18.36 -1.60 -6.31
N THR B 193 17.70 -2.14 -7.34
CA THR B 193 17.09 -3.46 -7.25
C THR B 193 18.01 -4.55 -7.77
N LEU B 194 19.31 -4.28 -7.75
CA LEU B 194 20.32 -5.22 -8.24
C LEU B 194 20.11 -5.53 -9.72
C10 24Q C . -4.51 7.60 22.59
C17 24Q C . -1.65 12.92 21.17
C20 24Q C . -2.19 15.19 20.60
C21 24Q C . -0.85 15.53 20.71
C22 24Q C . 0.09 14.57 21.04
C24 24Q C . 1.14 11.32 20.49
C26 24Q C . 0.34 11.16 19.36
C28 24Q C . 2.74 9.77 19.55
C01 24Q C . 1.15 7.84 24.33
C02 24Q C . -0.10 7.69 23.49
C03 24Q C . 0.15 6.80 22.28
C04 24Q C . 1.29 7.38 21.49
C05 24Q C . 2.56 7.44 22.32
C06 24Q C . 2.32 7.06 23.76
C07 24Q C . -1.06 6.66 21.37
C08 24Q C . -2.28 7.48 21.76
C09 24Q C . -3.42 6.86 22.25
C11 24Q C . -4.49 8.95 22.46
C12 24Q C . -3.34 9.57 21.97
N13 24Q C . -2.26 8.83 21.62
C14 24Q C . -3.26 11.06 21.79
O15 24Q C . -4.23 11.77 21.96
N16 24Q C . -1.98 11.56 21.41
C18 24Q C . -0.31 13.27 21.26
C19 24Q C . -2.59 13.87 20.83
C23 24Q C . 0.74 12.22 21.65
C25 24Q C . 0.74 10.32 18.33
C27 24Q C . 2.34 10.63 20.58
C29 24Q C . 1.94 9.62 18.42
C30 24Q C . -0.41 16.96 20.46
O31 24Q C . -1.21 17.78 20.03
N32 24Q C . 0.92 17.34 20.78
S33 24Q C . 1.40 18.89 20.55
O34 24Q C . 0.68 19.77 21.42
O35 24Q C . 1.02 19.42 19.26
C36 24Q C . 3.14 19.06 20.83
H101 24Q C . -5.31 7.15 22.93
H201 24Q C . -2.86 15.86 20.36
H221 24Q C . 1.03 14.82 21.12
H261 24Q C . -0.50 11.63 19.29
H281 24Q C . 3.58 9.29 19.62
H011 24Q C . 0.97 7.53 25.24
H012 24Q C . 1.41 8.78 24.36
H021 24Q C . -0.38 8.58 23.18
H022 24Q C . -0.81 7.31 24.03
H031 24Q C . 0.39 5.91 22.60
H041 24Q C . 1.46 6.82 20.70
H042 24Q C . 1.05 8.29 21.20
H051 24Q C . 2.89 8.37 22.29
H052 24Q C . 3.24 6.86 21.93
H061 24Q C . 2.13 6.09 23.80
H062 24Q C . 3.12 7.25 24.29
H071 24Q C . -0.80 6.92 20.45
H072 24Q C . -1.32 5.72 21.35
H091 24Q C . -3.44 5.88 22.34
H111 24Q C . -5.27 9.49 22.70
H161 24Q C . -1.31 10.94 21.30
H191 24Q C . -3.52 13.63 20.75
H231 24Q C . 0.40 11.69 22.38
H232 24Q C . 1.53 12.70 21.95
H251 24Q C . 0.18 10.20 17.55
H271 24Q C . 2.90 10.73 21.37
H291 24Q C . 2.23 9.03 17.70
H361 24Q C . 3.63 18.43 20.25
H362 24Q C . 3.35 18.86 21.77
H363 24Q C . 3.43 19.97 20.62
S DMS D . -2.32 1.90 37.50
O DMS D . -1.53 2.03 38.78
C1 DMS D . -3.31 0.38 37.56
C2 DMS D . -3.65 3.14 37.49
H11 DMS D . -2.67 -0.47 37.56
H12 DMS D . -3.91 0.38 38.43
H13 DMS D . -3.93 0.34 36.70
H21 DMS D . -3.22 4.10 37.46
H22 DMS D . -4.26 2.99 36.64
H23 DMS D . -4.23 3.04 38.37
C10 24Q E . 17.54 8.21 -19.77
C17 24Q E . 18.73 6.72 -13.88
C20 24Q E . 20.36 7.30 -12.23
C21 24Q E . 19.88 6.31 -11.41
C22 24Q E . 18.81 5.53 -11.82
C24 24Q E . 15.72 5.54 -13.25
C26 24Q E . 15.55 6.43 -12.20
C28 24Q E . 13.42 5.83 -13.87
C01 24Q E . 11.45 8.62 -15.90
C02 24Q E . 12.23 7.75 -16.86
C03 24Q E . 13.67 8.19 -17.03
C04 24Q E . 13.78 9.65 -17.37
C05 24Q E . 12.90 10.51 -16.49
C06 24Q E . 12.30 9.74 -15.35
C07 24Q E . 14.24 7.36 -18.17
C08 24Q E . 15.71 7.59 -18.38
C09 24Q E . 16.19 8.01 -19.60
C11 24Q E . 18.40 7.99 -18.73
C12 24Q E . 17.90 7.57 -17.52
N13 24Q E . 16.57 7.37 -17.35
C14 24Q E . 18.79 7.31 -16.33
O15 24Q E . 20.00 7.43 -16.40
N16 24Q E . 18.11 6.96 -15.14
C18 24Q E . 18.23 5.74 -13.06
C19 24Q E . 19.79 7.51 -13.47
C23 24Q E . 17.06 4.87 -13.49
C25 24Q E . 14.31 7.02 -11.99
C27 24Q E . 14.65 5.24 -14.08
C29 24Q E . 13.24 6.73 -12.83
C30 24Q E . 20.53 6.11 -10.04
O31 24Q E . 21.69 6.40 -9.90
N32 24Q E . 19.77 5.63 -8.94
S33 24Q E . 20.48 5.46 -7.46
O34 24Q E . 21.36 6.55 -7.21
O35 24Q E . 21.38 4.34 -7.43
C36 24Q E . 19.29 5.37 -6.13
H101 24Q E . 17.88 8.51 -20.63
H201 24Q E . 21.11 7.86 -11.95
H221 24Q E . 18.47 4.82 -11.22
H261 24Q E . 16.30 6.65 -11.61
H281 24Q E . 12.67 5.63 -14.47
H011 24Q E . 11.11 8.07 -15.16
H012 24Q E . 10.69 9.01 -16.36
H021 24Q E . 11.78 7.79 -17.73
H022 24Q E . 12.19 6.83 -16.55
H031 24Q E . 14.16 8.00 -16.21
H041 24Q E . 14.72 9.94 -17.28
H042 24Q E . 13.50 9.77 -18.30
H051 24Q E . 12.18 10.88 -17.04
H052 24Q E . 13.43 11.26 -16.13
H061 24Q E . 13.01 9.36 -14.79
H062 24Q E . 11.74 10.33 -14.81
H071 24Q E . 14.08 6.41 -17.99
H072 24Q E . 13.76 7.60 -18.99
H091 24Q E . 15.59 8.16 -20.34
H111 24Q E . 19.36 8.14 -18.85
H161 24Q E . 17.20 6.92 -15.17
H191 24Q E . 20.12 8.22 -14.05
H231 24Q E . 17.09 4.01 -13.02
H232 24Q E . 17.15 4.70 -14.45
H251 24Q E . 14.19 7.66 -11.26
H271 24Q E . 14.76 4.61 -14.82
H291 24Q E . 12.37 7.15 -12.67
H361 24Q E . 19.76 5.20 -5.30
H362 24Q E . 18.66 4.65 -6.31
H363 24Q E . 18.81 6.22 -6.08
C10 24Q F . 18.95 1.73 -19.82
C17 24Q F . 16.03 -3.69 -20.20
C20 24Q F . 15.30 -5.27 -21.85
C21 24Q F . 15.24 -6.25 -20.87
C22 24Q F . 15.59 -5.96 -19.56
C24 24Q F . 15.22 -3.68 -17.06
C26 24Q F . 15.42 -2.41 -16.55
C28 24Q F . 12.98 -3.66 -16.21
C01 24Q F . 13.55 3.67 -18.77
C02 24Q F . 14.94 3.28 -18.33
C03 24Q F . 14.95 1.99 -17.53
C04 24Q F . 14.08 2.07 -16.30
C05 24Q F . 12.81 2.86 -16.55
C06 24Q F . 12.48 2.91 -18.02
C07 24Q F . 16.37 1.72 -17.07
C08 24Q F . 17.20 1.30 -18.25
C09 24Q F . 18.21 2.13 -18.74
C11 24Q F . 18.69 0.53 -20.42
C12 24Q F . 17.68 -0.28 -19.92
N13 24Q F . 16.95 0.12 -18.85
C14 24Q F . 17.36 -1.61 -20.55
O15 24Q F . 17.85 -1.97 -21.60
N16 24Q F . 16.45 -2.40 -19.80
C18 24Q F . 15.99 -4.68 -19.22
C19 24Q F . 15.69 -3.98 -21.52
C23 24Q F . 16.36 -4.37 -17.78
C25 24Q F . 14.40 -1.76 -15.86
C27 24Q F . 14.00 -4.30 -16.88
C29 24Q F . 13.17 -2.39 -15.70
C30 24Q F . 14.81 -7.65 -21.21
O31 24Q F . 14.45 -8.39 -20.32
N32 24Q F . 14.83 -8.09 -22.55
S33 24Q F . 14.34 -9.62 -22.92
O34 24Q F . 14.46 -9.85 -24.33
O35 24Q F . 12.93 -9.77 -22.71
C36 24Q F . 15.27 -10.82 -22.01
H101 24Q F . 19.65 2.31 -20.16
H201 24Q F . 15.04 -5.48 -22.77
H221 24Q F . 15.55 -6.65 -18.88
H261 24Q F . 16.28 -1.96 -16.66
H281 24Q F . 12.11 -4.11 -16.09
H011 24Q F . 13.45 3.53 -19.73
H012 24Q F . 13.43 4.63 -18.57
H021 24Q F . 15.31 3.99 -17.78
H022 24Q F . 15.50 3.17 -19.13
H031 24Q F . 14.65 1.25 -18.09
H041 24Q F . 13.84 1.18 -15.99
H042 24Q F . 14.58 2.53 -15.60
H051 24Q F . 12.94 3.78 -16.23
H052 24Q F . 12.06 2.47 -16.06
H061 24Q F . 12.43 2.00 -18.36
H062 24Q F . 11.62 3.36 -18.15
H071 24Q F . 16.74 2.53 -16.66
H072 24Q F . 16.35 0.98 -16.41
H091 24Q F . 18.39 2.99 -18.31
H111 24Q F . 19.21 0.25 -21.20
H161 24Q F . 16.12 -2.08 -19.01
H191 24Q F . 15.73 -3.29 -22.19
H231 24Q F . 17.15 -3.80 -17.78
H232 24Q F . 16.59 -5.20 -17.32
H251 24Q F . 14.53 -0.86 -15.51
H271 24Q F . 13.86 -5.20 -17.24
H291 24Q F . 12.44 -1.93 -15.23
H361 24Q F . 15.21 -10.63 -21.05
H362 24Q F . 16.21 -10.79 -22.29
H363 24Q F . 14.90 -11.72 -22.18
#